data_3PEJ
#
_entry.id   3PEJ
#
_cell.length_a   96.880
_cell.length_b   96.880
_cell.length_c   159.698
_cell.angle_alpha   90.000
_cell.angle_beta   90.000
_cell.angle_gamma   90.000
#
_symmetry.space_group_name_H-M   'P 42 21 2'
#
loop_
_entity.id
_entity.type
_entity.pdbx_description
1 polymer 'Endoplasmin homolog'
2 non-polymer MACBECIN
3 non-polymer 'SULFATE ION'
#
_entity_poly.entity_id   1
_entity_poly.type   'polypeptide(L)'
_entity_poly.pdbx_seq_one_letter_code
;MHHHHHHSSGRENLYFQGPTESMESHQYQTEVTRLMDIIVNSLYTQKEVFLRELISNAADALEKIRFLSLSDESVLGEEK
KLEIRISANKEKNILSITDTGIGMTKVDLINNLGTIAKSGTSNFLEAISKSGGDMSLIGQFGVGFYSAFLVADKVIVYTK
NNDDEQYIWESTADAKFTIYKDPRGATLKRGTRISLHLKEDATNLLNDKKLMDLISKYSQFIQFPIYLLHENVYTEEVLA
DIAKDMVNDPNYDSVKVEETDDPNKKTRTVEKKVKKWTLMN
;
_entity_poly.pdbx_strand_id   A,B
#
loop_
_chem_comp.id
_chem_comp.type
_chem_comp.name
_chem_comp.formula
BC2 non-polymer MACBECIN 'C30 H42 N2 O8'
SO4 non-polymer 'SULFATE ION' 'O4 S -2'
#
# COMPACT_ATOMS: atom_id res chain seq x y z
N GLU A 24 7.43 27.37 -7.04
CA GLU A 24 7.52 28.03 -5.74
C GLU A 24 7.73 29.57 -5.85
N SER A 25 7.18 30.32 -4.86
CA SER A 25 7.25 31.80 -4.76
C SER A 25 8.16 32.24 -3.61
N HIS A 26 8.90 33.33 -3.82
CA HIS A 26 9.82 33.90 -2.83
C HIS A 26 9.07 34.54 -1.65
N GLN A 27 7.90 35.15 -1.92
CA GLN A 27 7.03 35.77 -0.92
C GLN A 27 6.55 34.71 0.07
N TYR A 28 6.17 33.51 -0.44
CA TYR A 28 5.72 32.35 0.33
C TYR A 28 6.86 31.83 1.20
N GLN A 29 8.07 31.67 0.62
CA GLN A 29 9.25 31.16 1.31
C GLN A 29 9.65 32.05 2.49
N THR A 30 9.43 33.38 2.38
CA THR A 30 9.77 34.31 3.46
C THR A 30 8.70 34.26 4.56
N GLU A 31 7.40 34.30 4.18
CA GLU A 31 6.25 34.27 5.07
C GLU A 31 6.21 32.96 5.90
N VAL A 32 6.28 31.81 5.21
CA VAL A 32 6.21 30.49 5.82
C VAL A 32 7.41 30.27 6.76
N THR A 33 8.62 30.74 6.38
CA THR A 33 9.81 30.65 7.25
C THR A 33 9.51 31.37 8.58
N ARG A 34 8.87 32.54 8.51
CA ARG A 34 8.49 33.34 9.66
C ARG A 34 7.44 32.62 10.48
N LEU A 35 6.36 32.14 9.81
CA LEU A 35 5.28 31.38 10.45
C LEU A 35 5.86 30.20 11.23
N MET A 36 6.67 29.36 10.57
CA MET A 36 7.35 28.22 11.17
C MET A 36 8.24 28.66 12.35
N ASP A 37 9.05 29.72 12.17
CA ASP A 37 9.96 30.20 13.21
C ASP A 37 9.23 30.60 14.48
N ILE A 38 8.15 31.42 14.33
CA ILE A 38 7.34 31.93 15.44
C ILE A 38 6.59 30.78 16.13
N ILE A 39 5.88 29.95 15.34
CA ILE A 39 5.10 28.80 15.83
C ILE A 39 6.01 27.83 16.61
N VAL A 40 7.18 27.50 16.05
CA VAL A 40 8.14 26.60 16.71
C VAL A 40 8.70 27.27 17.98
N ASN A 41 9.14 28.54 17.91
CA ASN A 41 9.71 29.28 19.04
C ASN A 41 8.72 29.37 20.21
N SER A 42 7.43 29.56 19.91
CA SER A 42 6.37 29.69 20.90
C SER A 42 5.84 28.38 21.46
N LEU A 43 5.74 27.31 20.64
CA LEU A 43 5.12 26.07 21.08
C LEU A 43 6.03 24.85 21.22
N TYR A 44 7.38 25.03 21.31
CA TYR A 44 8.30 23.90 21.42
C TYR A 44 8.12 23.08 22.72
N THR A 45 7.46 23.68 23.72
CA THR A 45 7.16 23.07 25.01
C THR A 45 5.77 22.38 25.00
N GLN A 46 4.97 22.64 23.96
CA GLN A 46 3.61 22.10 23.76
C GLN A 46 3.49 21.48 22.34
N LYS A 47 4.62 21.01 21.79
CA LYS A 47 4.80 20.43 20.44
C LYS A 47 3.66 19.58 19.94
N GLU A 48 3.04 18.84 20.86
CA GLU A 48 1.91 17.95 20.65
C GLU A 48 0.62 18.62 20.17
N VAL A 49 0.54 19.96 20.13
CA VAL A 49 -0.69 20.65 19.73
C VAL A 49 -0.90 20.62 18.18
N PHE A 50 0.11 20.17 17.41
CA PHE A 50 -0.01 20.06 15.96
C PHE A 50 -1.17 19.11 15.61
N LEU A 51 -1.42 18.10 16.48
CA LEU A 51 -2.46 17.12 16.24
C LEU A 51 -3.85 17.74 16.39
N ARG A 52 -4.01 18.69 17.32
CA ARG A 52 -5.25 19.42 17.56
C ARG A 52 -5.63 20.20 16.31
N GLU A 53 -4.62 20.75 15.61
CA GLU A 53 -4.79 21.54 14.40
C GLU A 53 -5.18 20.68 13.23
N LEU A 54 -4.43 19.57 13.00
CA LEU A 54 -4.69 18.68 11.87
C LEU A 54 -6.07 18.00 11.98
N ILE A 55 -6.51 17.61 13.19
CA ILE A 55 -7.84 17.03 13.43
C ILE A 55 -8.90 18.09 13.11
N SER A 56 -8.65 19.36 13.51
CA SER A 56 -9.55 20.51 13.28
C SER A 56 -9.73 20.77 11.78
N ASN A 57 -8.60 20.80 11.04
CA ASN A 57 -8.58 20.97 9.58
C ASN A 57 -9.39 19.84 8.90
N ALA A 58 -9.15 18.57 9.32
CA ALA A 58 -9.81 17.37 8.82
C ALA A 58 -11.33 17.45 9.05
N ALA A 59 -11.75 17.92 10.25
CA ALA A 59 -13.15 18.11 10.61
C ALA A 59 -13.83 19.16 9.71
N ASP A 60 -13.09 20.24 9.35
CA ASP A 60 -13.58 21.30 8.47
C ASP A 60 -13.79 20.80 7.04
N ALA A 61 -12.84 19.98 6.52
CA ALA A 61 -12.90 19.37 5.18
C ALA A 61 -14.10 18.40 5.10
N LEU A 62 -14.37 17.66 6.19
CA LEU A 62 -15.48 16.73 6.30
C LEU A 62 -16.80 17.47 6.32
N GLU A 63 -16.91 18.56 7.10
CA GLU A 63 -18.16 19.34 7.16
C GLU A 63 -18.51 19.95 5.79
N LYS A 64 -17.51 20.38 4.99
CA LYS A 64 -17.72 20.95 3.67
C LYS A 64 -18.39 19.95 2.71
N ILE A 65 -17.91 18.68 2.68
CA ILE A 65 -18.50 17.64 1.83
C ILE A 65 -19.80 17.10 2.46
N ARG A 66 -19.92 17.08 3.81
CA ARG A 66 -21.13 16.59 4.49
C ARG A 66 -22.29 17.56 4.25
N PHE A 67 -22.01 18.86 4.24
CA PHE A 67 -22.99 19.92 4.03
C PHE A 67 -23.57 19.84 2.60
N LEU A 68 -22.70 19.57 1.60
CA LEU A 68 -23.09 19.44 0.19
C LEU A 68 -23.93 18.19 -0.04
N SER A 69 -23.61 17.07 0.66
CA SER A 69 -24.32 15.78 0.57
C SER A 69 -25.80 15.88 0.99
N LEU A 70 -26.16 16.89 1.79
CA LEU A 70 -27.54 17.13 2.24
C LEU A 70 -28.37 17.65 1.05
N SER A 71 -27.71 18.41 0.14
CA SER A 71 -28.33 18.94 -1.07
C SER A 71 -28.41 17.84 -2.15
N ASP A 72 -27.28 17.13 -2.41
CA ASP A 72 -27.16 16.03 -3.37
C ASP A 72 -26.20 14.96 -2.79
N GLU A 73 -26.76 13.81 -2.34
CA GLU A 73 -26.01 12.70 -1.74
C GLU A 73 -25.08 11.96 -2.75
N SER A 74 -25.06 12.42 -4.02
CA SER A 74 -24.21 11.87 -5.08
C SER A 74 -22.77 12.37 -5.02
N VAL A 75 -22.46 13.36 -4.14
CA VAL A 75 -21.10 13.91 -3.98
C VAL A 75 -20.18 12.90 -3.28
N LEU A 76 -20.77 12.02 -2.44
CA LEU A 76 -20.08 10.95 -1.71
C LEU A 76 -19.54 9.89 -2.68
N GLY A 77 -20.30 9.64 -3.75
CA GLY A 77 -19.96 8.69 -4.80
C GLY A 77 -19.66 7.31 -4.28
N GLU A 78 -18.46 6.80 -4.57
CA GLU A 78 -18.01 5.50 -4.09
C GLU A 78 -17.50 5.57 -2.63
N GLU A 79 -17.08 6.77 -2.15
CA GLU A 79 -16.57 6.98 -0.79
C GLU A 79 -17.66 7.52 0.17
N LYS A 80 -18.44 6.59 0.75
CA LYS A 80 -19.55 6.90 1.65
C LYS A 80 -19.11 7.15 3.11
N LYS A 81 -17.83 6.83 3.44
CA LYS A 81 -17.25 7.06 4.77
C LYS A 81 -16.99 8.56 4.96
N LEU A 82 -17.34 9.10 6.14
CA LEU A 82 -17.09 10.49 6.54
C LEU A 82 -16.39 10.40 7.89
N GLU A 83 -15.03 10.33 7.88
CA GLU A 83 -14.23 10.12 9.10
C GLU A 83 -12.80 10.62 9.02
N ILE A 84 -12.08 10.55 10.18
CA ILE A 84 -10.66 10.86 10.33
C ILE A 84 -9.91 9.57 10.74
N ARG A 85 -8.77 9.30 10.08
CA ARG A 85 -7.97 8.10 10.34
C ARG A 85 -6.51 8.44 10.65
N ILE A 86 -6.06 8.04 11.85
CA ILE A 86 -4.70 8.27 12.32
C ILE A 86 -3.93 6.94 12.38
N SER A 87 -2.80 6.88 11.67
CA SER A 87 -1.91 5.73 11.63
C SER A 87 -0.44 6.17 11.63
N ALA A 88 0.46 5.33 12.17
CA ALA A 88 1.89 5.57 12.27
C ALA A 88 2.69 4.41 11.72
N ASN A 89 3.79 4.71 11.01
CA ASN A 89 4.72 3.75 10.43
C ASN A 89 6.04 3.90 11.19
N LYS A 90 6.21 3.13 12.28
CA LYS A 90 7.39 3.18 13.16
C LYS A 90 8.71 2.97 12.39
N GLU A 91 8.69 2.10 11.35
CA GLU A 91 9.84 1.78 10.50
C GLU A 91 10.31 2.99 9.69
N LYS A 92 9.39 3.62 8.93
CA LYS A 92 9.64 4.78 8.07
C LYS A 92 9.64 6.11 8.84
N ASN A 93 9.28 6.11 10.15
CA ASN A 93 9.19 7.29 11.03
C ASN A 93 8.13 8.30 10.52
N ILE A 94 7.02 7.79 9.98
CA ILE A 94 5.93 8.57 9.38
C ILE A 94 4.64 8.42 10.21
N LEU A 95 3.96 9.57 10.46
CA LEU A 95 2.66 9.66 11.13
C LEU A 95 1.71 10.25 10.11
N SER A 96 0.58 9.56 9.84
CA SER A 96 -0.40 9.98 8.83
C SER A 96 -1.77 10.34 9.42
N ILE A 97 -2.38 11.42 8.89
CA ILE A 97 -3.69 11.92 9.28
C ILE A 97 -4.51 12.03 8.00
N THR A 98 -5.36 11.04 7.77
CA THR A 98 -6.22 10.93 6.59
C THR A 98 -7.66 11.22 6.97
N ASP A 99 -8.40 11.86 6.06
CA ASP A 99 -9.82 12.16 6.20
C ASP A 99 -10.51 11.88 4.86
N THR A 100 -11.79 11.52 4.90
CA THR A 100 -12.59 11.28 3.71
C THR A 100 -13.42 12.56 3.49
N GLY A 101 -12.74 13.70 3.50
CA GLY A 101 -13.33 15.02 3.36
C GLY A 101 -13.50 15.48 1.93
N ILE A 102 -13.76 16.79 1.73
CA ILE A 102 -13.97 17.39 0.42
C ILE A 102 -12.76 17.23 -0.53
N GLY A 103 -11.55 17.28 0.01
CA GLY A 103 -10.33 17.21 -0.79
C GLY A 103 -10.03 18.54 -1.46
N MET A 104 -8.90 18.62 -2.18
CA MET A 104 -8.49 19.88 -2.83
C MET A 104 -8.14 19.74 -4.30
N THR A 105 -8.49 20.78 -5.08
CA THR A 105 -8.17 20.89 -6.51
C THR A 105 -6.84 21.66 -6.61
N LYS A 106 -6.15 21.54 -7.76
CA LYS A 106 -4.88 22.23 -8.02
C LYS A 106 -5.08 23.75 -7.86
N VAL A 107 -6.25 24.26 -8.31
CA VAL A 107 -6.64 25.66 -8.25
C VAL A 107 -6.81 26.11 -6.80
N ASP A 108 -7.56 25.33 -5.99
CA ASP A 108 -7.80 25.60 -4.56
C ASP A 108 -6.49 25.62 -3.81
N LEU A 109 -5.58 24.68 -4.13
CA LEU A 109 -4.28 24.57 -3.48
C LEU A 109 -3.34 25.74 -3.83
N ILE A 110 -3.23 26.11 -5.12
CA ILE A 110 -2.38 27.21 -5.58
C ILE A 110 -2.91 28.56 -5.09
N ASN A 111 -4.25 28.79 -5.23
CA ASN A 111 -4.90 30.03 -4.79
C ASN A 111 -4.77 30.23 -3.27
N ASN A 112 -5.05 29.16 -2.48
CA ASN A 112 -4.95 29.20 -1.01
C ASN A 112 -3.52 29.45 -0.53
N LEU A 113 -2.51 28.81 -1.16
CA LEU A 113 -1.09 29.03 -0.82
C LEU A 113 -0.66 30.44 -1.19
N GLY A 114 -1.35 31.01 -2.18
CA GLY A 114 -1.15 32.37 -2.66
C GLY A 114 -1.66 33.42 -1.71
N THR A 115 -2.79 33.13 -1.03
CA THR A 115 -3.39 34.03 -0.04
C THR A 115 -2.52 34.09 1.24
N ILE A 116 -1.90 32.94 1.66
CA ILE A 116 -0.98 32.83 2.80
C ILE A 116 0.27 33.74 2.59
N ALA A 117 0.88 33.65 1.39
CA ALA A 117 2.08 34.37 0.95
C ALA A 117 1.94 35.89 1.03
N LYS A 118 0.78 36.43 0.61
CA LYS A 118 0.52 37.86 0.57
C LYS A 118 -0.35 38.40 1.74
N SER A 119 -0.61 37.60 2.79
CA SER A 119 -1.45 38.01 3.93
C SER A 119 -0.70 38.65 5.11
N GLY A 120 0.55 38.25 5.32
CA GLY A 120 1.37 38.74 6.43
C GLY A 120 0.88 38.35 7.81
N THR A 121 0.39 37.11 7.96
CA THR A 121 -0.12 36.55 9.21
C THR A 121 1.03 36.46 10.23
N SER A 122 2.24 36.18 9.73
CA SER A 122 3.47 36.13 10.52
C SER A 122 3.63 37.42 11.32
N ASN A 123 3.25 38.57 10.73
CA ASN A 123 3.31 39.89 11.37
C ASN A 123 2.40 39.90 12.61
N PHE A 124 1.17 39.40 12.48
CA PHE A 124 0.23 39.28 13.59
C PHE A 124 0.81 38.39 14.70
N LEU A 125 1.35 37.20 14.32
CA LEU A 125 1.96 36.24 15.23
C LEU A 125 3.21 36.82 15.92
N GLU A 126 4.09 37.50 15.17
CA GLU A 126 5.29 38.15 15.72
C GLU A 126 4.88 39.11 16.83
N ALA A 127 3.89 39.98 16.53
CA ALA A 127 3.33 40.95 17.45
C ALA A 127 2.73 40.24 18.66
N ILE A 128 2.00 39.12 18.45
CA ILE A 128 1.39 38.33 19.52
C ILE A 128 2.48 37.80 20.47
N SER A 129 3.53 37.19 19.89
CA SER A 129 4.66 36.59 20.62
C SER A 129 5.43 37.63 21.43
N LYS A 130 5.76 38.77 20.81
CA LYS A 130 6.49 39.87 21.45
C LYS A 130 5.68 40.50 22.61
N SER A 131 4.34 40.34 22.59
CA SER A 131 3.44 40.87 23.63
C SER A 131 3.11 39.85 24.74
N GLY A 132 3.68 38.65 24.64
CA GLY A 132 3.46 37.58 25.61
C GLY A 132 2.17 36.80 25.40
N GLY A 133 1.57 36.95 24.22
CA GLY A 133 0.36 36.23 23.85
C GLY A 133 0.64 34.79 23.47
N ASP A 134 -0.44 33.98 23.36
CA ASP A 134 -0.31 32.57 22.99
C ASP A 134 -0.59 32.34 21.48
N MET A 135 -0.28 31.13 20.98
CA MET A 135 -0.50 30.78 19.58
C MET A 135 -1.88 30.18 19.35
N SER A 136 -2.84 30.47 20.25
CA SER A 136 -4.22 29.95 20.19
C SER A 136 -5.05 30.44 19.00
N LEU A 137 -4.58 31.46 18.27
CA LEU A 137 -5.30 32.00 17.12
C LEU A 137 -4.81 31.44 15.77
N ILE A 138 -3.73 30.60 15.77
CA ILE A 138 -3.16 30.03 14.53
C ILE A 138 -4.22 29.30 13.69
N GLY A 139 -5.15 28.62 14.34
CA GLY A 139 -6.26 27.91 13.72
C GLY A 139 -7.22 28.86 13.02
N GLN A 140 -7.76 29.85 13.77
CA GLN A 140 -8.68 30.90 13.26
C GLN A 140 -8.10 31.67 12.09
N PHE A 141 -6.76 31.92 12.12
CA PHE A 141 -6.00 32.66 11.10
C PHE A 141 -5.75 31.85 9.81
N GLY A 142 -5.90 30.53 9.89
CA GLY A 142 -5.68 29.65 8.76
C GLY A 142 -4.22 29.28 8.52
N VAL A 143 -3.40 29.24 9.58
CA VAL A 143 -1.97 28.88 9.46
C VAL A 143 -1.60 27.70 10.38
N GLY A 144 -2.63 27.12 11.00
CA GLY A 144 -2.52 25.99 11.92
C GLY A 144 -1.78 24.79 11.37
N PHE A 145 -1.85 24.57 10.04
CA PHE A 145 -1.17 23.49 9.34
C PHE A 145 0.36 23.48 9.57
N TYR A 146 0.98 24.68 9.56
CA TYR A 146 2.43 24.86 9.70
C TYR A 146 2.98 24.42 11.07
N SER A 147 2.07 24.14 12.05
CA SER A 147 2.42 23.62 13.37
C SER A 147 2.99 22.20 13.26
N ALA A 148 2.79 21.53 12.09
CA ALA A 148 3.32 20.19 11.81
C ALA A 148 4.85 20.21 11.84
N PHE A 149 5.45 21.40 11.62
CA PHE A 149 6.90 21.59 11.60
C PHE A 149 7.53 21.71 12.99
N LEU A 150 6.73 21.46 14.05
CA LEU A 150 7.19 21.39 15.44
C LEU A 150 7.76 19.98 15.65
N VAL A 151 7.19 18.98 14.93
CA VAL A 151 7.53 17.55 15.04
C VAL A 151 8.06 16.91 13.73
N ALA A 152 7.78 17.52 12.56
CA ALA A 152 8.19 16.99 11.25
C ALA A 152 9.10 17.95 10.48
N ASP A 153 10.07 17.41 9.72
CA ASP A 153 10.97 18.21 8.90
C ASP A 153 10.55 18.18 7.41
N LYS A 154 9.58 17.31 7.09
CA LYS A 154 8.94 17.18 5.78
C LYS A 154 7.49 16.77 6.00
N VAL A 155 6.57 17.34 5.22
CA VAL A 155 5.14 17.04 5.29
C VAL A 155 4.63 16.83 3.87
N ILE A 156 4.19 15.60 3.56
CA ILE A 156 3.68 15.25 2.23
C ILE A 156 2.16 15.09 2.30
N VAL A 157 1.44 16.01 1.63
CA VAL A 157 -0.01 16.03 1.56
C VAL A 157 -0.47 15.39 0.24
N TYR A 158 -1.32 14.37 0.33
CA TYR A 158 -1.94 13.69 -0.81
C TYR A 158 -3.40 14.16 -0.77
N THR A 159 -3.95 14.70 -1.87
CA THR A 159 -5.34 15.20 -1.87
C THR A 159 -6.08 14.87 -3.19
N LYS A 160 -7.41 14.61 -3.08
CA LYS A 160 -8.28 14.26 -4.19
C LYS A 160 -9.70 14.82 -4.01
N ASN A 161 -10.08 15.78 -4.88
CA ASN A 161 -11.40 16.42 -4.90
C ASN A 161 -12.13 15.95 -6.16
N ASN A 162 -13.45 15.69 -6.07
CA ASN A 162 -14.29 15.20 -7.18
C ASN A 162 -14.05 15.94 -8.53
N ASP A 163 -13.89 17.28 -8.48
CA ASP A 163 -13.70 18.18 -9.64
C ASP A 163 -12.27 18.21 -10.21
N ASP A 164 -11.35 17.30 -9.79
CA ASP A 164 -9.95 17.27 -10.26
C ASP A 164 -9.29 15.88 -10.04
N GLU A 165 -8.03 15.76 -10.45
CA GLU A 165 -7.20 14.55 -10.28
C GLU A 165 -6.58 14.55 -8.87
N GLN A 166 -5.87 13.47 -8.51
CA GLN A 166 -5.19 13.39 -7.23
C GLN A 166 -3.84 14.08 -7.32
N TYR A 167 -3.58 15.00 -6.39
CA TYR A 167 -2.34 15.76 -6.36
C TYR A 167 -1.53 15.54 -5.07
N ILE A 168 -0.22 15.82 -5.15
CA ILE A 168 0.72 15.73 -4.04
C ILE A 168 1.29 17.13 -3.76
N TRP A 169 1.30 17.54 -2.48
CA TRP A 169 1.87 18.82 -2.04
C TRP A 169 2.85 18.57 -0.88
N GLU A 170 4.14 18.53 -1.24
CA GLU A 170 5.28 18.28 -0.38
C GLU A 170 5.77 19.62 0.16
N SER A 171 6.08 19.68 1.47
CA SER A 171 6.58 20.87 2.16
C SER A 171 7.78 20.49 3.01
N THR A 172 8.83 21.32 2.98
CA THR A 172 10.06 21.12 3.75
C THR A 172 10.14 22.20 4.86
N ALA A 173 10.95 21.94 5.91
CA ALA A 173 11.18 22.83 7.05
C ALA A 173 11.86 24.15 6.66
N ASP A 174 12.45 24.20 5.45
CA ASP A 174 13.13 25.37 4.88
C ASP A 174 12.19 26.17 3.96
N ALA A 175 10.86 26.08 4.20
CA ALA A 175 9.76 26.72 3.48
C ALA A 175 9.71 26.36 1.97
N LYS A 176 10.46 25.31 1.55
CA LYS A 176 10.47 24.84 0.17
C LYS A 176 9.35 23.83 -0.05
N PHE A 177 8.59 24.02 -1.12
CA PHE A 177 7.45 23.17 -1.47
C PHE A 177 7.38 22.82 -2.96
N THR A 178 6.54 21.83 -3.30
CA THR A 178 6.28 21.37 -4.67
C THR A 178 4.89 20.75 -4.75
N ILE A 179 4.16 21.06 -5.82
CA ILE A 179 2.82 20.54 -6.10
C ILE A 179 2.86 19.83 -7.45
N TYR A 180 2.32 18.60 -7.49
CA TYR A 180 2.28 17.76 -8.69
C TYR A 180 1.21 16.68 -8.63
N LYS A 181 0.79 16.15 -9.81
CA LYS A 181 -0.20 15.08 -9.93
C LYS A 181 0.40 13.79 -9.34
N ASP A 182 -0.45 12.99 -8.68
CA ASP A 182 -0.02 11.72 -8.11
C ASP A 182 0.19 10.71 -9.26
N PRO A 183 1.42 10.14 -9.44
CA PRO A 183 1.62 9.14 -10.50
C PRO A 183 0.71 7.93 -10.32
N ARG A 184 0.57 7.47 -9.05
CA ARG A 184 -0.27 6.33 -8.63
C ARG A 184 -1.78 6.53 -8.94
N GLY A 185 -2.20 7.77 -9.20
CA GLY A 185 -3.58 8.11 -9.52
C GLY A 185 -4.43 8.45 -8.32
N ALA A 186 -5.76 8.35 -8.45
CA ALA A 186 -6.74 8.65 -7.39
C ALA A 186 -6.83 7.53 -6.34
N THR A 187 -5.72 7.29 -5.62
CA THR A 187 -5.61 6.28 -4.56
C THR A 187 -6.47 6.62 -3.32
N LEU A 188 -6.92 7.90 -3.21
CA LEU A 188 -7.73 8.35 -2.06
C LEU A 188 -9.23 8.30 -2.29
N LYS A 189 -9.69 8.28 -3.55
CA LYS A 189 -11.10 8.32 -3.95
C LYS A 189 -11.63 9.75 -3.72
N ARG A 190 -11.65 10.20 -2.45
CA ARG A 190 -12.04 11.55 -2.00
C ARG A 190 -11.42 11.81 -0.63
N GLY A 191 -10.89 13.02 -0.44
CA GLY A 191 -10.30 13.42 0.82
C GLY A 191 -8.84 13.81 0.75
N THR A 192 -8.20 13.92 1.93
CA THR A 192 -6.81 14.34 2.07
C THR A 192 -6.05 13.43 3.04
N ARG A 193 -4.79 13.09 2.69
CA ARG A 193 -3.88 12.32 3.53
C ARG A 193 -2.71 13.26 3.87
N ILE A 194 -2.34 13.35 5.15
CA ILE A 194 -1.25 14.21 5.56
C ILE A 194 -0.22 13.34 6.27
N SER A 195 0.91 13.10 5.57
CA SER A 195 2.02 12.28 6.06
C SER A 195 3.10 13.17 6.59
N LEU A 196 3.54 12.91 7.84
CA LEU A 196 4.60 13.67 8.50
C LEU A 196 5.84 12.81 8.74
N HIS A 197 7.00 13.23 8.16
CA HIS A 197 8.29 12.55 8.34
C HIS A 197 8.89 13.14 9.60
N LEU A 198 8.57 12.51 10.75
CA LEU A 198 8.97 12.97 12.09
C LEU A 198 10.47 13.13 12.26
N LYS A 199 10.85 14.12 13.07
CA LYS A 199 12.23 14.41 13.42
C LYS A 199 12.59 13.39 14.50
N GLU A 200 13.88 12.95 14.55
CA GLU A 200 14.37 11.99 15.56
C GLU A 200 14.04 12.49 16.97
N ASP A 201 13.95 13.81 17.08
CA ASP A 201 13.59 14.64 18.22
C ASP A 201 12.20 14.28 18.79
N ALA A 202 11.22 13.90 17.91
CA ALA A 202 9.81 13.61 18.26
C ALA A 202 9.26 12.22 17.79
N THR A 203 10.08 11.15 17.92
CA THR A 203 9.70 9.79 17.52
C THR A 203 8.60 9.16 18.40
N ASN A 204 8.45 9.61 19.68
CA ASN A 204 7.46 9.12 20.66
C ASN A 204 5.99 9.27 20.17
N LEU A 205 5.78 10.00 19.07
CA LEU A 205 4.47 10.19 18.46
C LEU A 205 4.06 9.00 17.62
N LEU A 206 4.91 7.97 17.53
CA LEU A 206 4.61 6.75 16.79
C LEU A 206 4.09 5.71 17.77
N ASN A 207 4.14 6.04 19.07
CA ASN A 207 3.73 5.16 20.16
C ASN A 207 2.24 5.18 20.42
N ASP A 208 1.72 3.97 20.67
CA ASP A 208 0.34 3.63 20.94
C ASP A 208 -0.30 4.47 22.07
N LYS A 209 0.24 4.36 23.30
CA LYS A 209 -0.24 5.09 24.49
C LYS A 209 -0.27 6.62 24.27
N LYS A 210 0.80 7.19 23.65
CA LYS A 210 0.93 8.63 23.37
C LYS A 210 -0.17 9.15 22.44
N LEU A 211 -0.33 8.51 21.25
CA LEU A 211 -1.36 8.87 20.26
C LEU A 211 -2.76 8.79 20.83
N MET A 212 -3.07 7.71 21.59
CA MET A 212 -4.38 7.52 22.23
C MET A 212 -4.72 8.67 23.19
N ASP A 213 -3.76 9.00 24.06
CA ASP A 213 -3.82 10.11 25.02
C ASP A 213 -4.10 11.43 24.28
N LEU A 214 -3.26 11.77 23.25
CA LEU A 214 -3.40 12.99 22.43
C LEU A 214 -4.72 13.07 21.66
N ILE A 215 -5.16 11.95 21.03
CA ILE A 215 -6.41 11.93 20.27
C ILE A 215 -7.61 12.17 21.21
N SER A 216 -7.66 11.48 22.37
CA SER A 216 -8.72 11.65 23.37
C SER A 216 -8.87 13.13 23.81
N LYS A 217 -7.71 13.77 24.07
CA LYS A 217 -7.56 15.16 24.50
C LYS A 217 -8.08 16.16 23.44
N TYR A 218 -7.67 15.98 22.17
CA TYR A 218 -7.94 16.91 21.05
C TYR A 218 -9.19 16.61 20.19
N SER A 219 -10.02 15.64 20.61
CA SER A 219 -11.23 15.30 19.85
C SER A 219 -12.49 15.68 20.63
N GLN A 220 -12.37 16.70 21.48
CA GLN A 220 -13.44 17.20 22.35
C GLN A 220 -14.70 17.65 21.57
N PHE A 221 -14.57 18.70 20.75
CA PHE A 221 -15.71 19.23 20.01
C PHE A 221 -15.79 18.68 18.55
N ILE A 222 -15.25 17.46 18.31
CA ILE A 222 -15.26 16.83 16.99
C ILE A 222 -16.53 16.00 16.81
N GLN A 223 -17.32 16.35 15.79
CA GLN A 223 -18.61 15.76 15.41
C GLN A 223 -18.48 14.46 14.61
N PHE A 224 -17.33 14.26 13.92
CA PHE A 224 -17.04 13.11 13.05
C PHE A 224 -16.22 12.00 13.74
N PRO A 225 -16.30 10.72 13.30
CA PRO A 225 -15.54 9.66 13.97
C PRO A 225 -14.04 9.73 13.68
N ILE A 226 -13.24 9.35 14.67
CA ILE A 226 -11.80 9.31 14.58
C ILE A 226 -11.35 7.88 14.88
N TYR A 227 -10.61 7.29 13.93
CA TYR A 227 -10.12 5.92 14.06
C TYR A 227 -8.60 5.89 14.17
N LEU A 228 -8.06 5.01 15.03
CA LEU A 228 -6.63 4.84 15.20
C LEU A 228 -6.22 3.40 14.83
N LEU A 229 -5.19 3.27 13.96
CA LEU A 229 -4.63 1.98 13.55
C LEU A 229 -3.55 1.64 14.56
N HIS A 230 -3.86 0.76 15.51
CA HIS A 230 -2.91 0.36 16.55
C HIS A 230 -2.78 -1.16 16.67
N GLU A 231 -1.65 -1.63 17.24
CA GLU A 231 -1.30 -3.03 17.43
C GLU A 231 -2.29 -3.77 18.34
N ASN A 232 -2.53 -5.05 17.96
CA ASN A 232 -3.34 -6.07 18.63
C ASN A 232 -2.45 -7.31 18.71
N VAL A 233 -2.41 -7.96 19.88
CA VAL A 233 -1.60 -9.18 20.03
C VAL A 233 -2.51 -10.35 20.42
N TYR A 234 -2.43 -11.45 19.63
CA TYR A 234 -3.16 -12.69 19.87
C TYR A 234 -2.14 -13.75 20.30
N THR A 235 -2.20 -14.18 21.56
CA THR A 235 -1.28 -15.16 22.14
C THR A 235 -1.98 -16.53 22.38
N GLU A 236 -1.31 -17.63 22.00
CA GLU A 236 -1.81 -19.00 22.21
C GLU A 236 -0.68 -20.04 22.23
N GLU A 237 -0.93 -21.20 22.86
CA GLU A 237 -0.01 -22.32 22.85
C GLU A 237 -0.22 -23.07 21.55
N VAL A 238 0.88 -23.44 20.89
CA VAL A 238 0.87 -24.13 19.60
C VAL A 238 1.89 -25.27 19.64
N LEU A 239 1.59 -26.39 18.97
CA LEU A 239 2.52 -27.51 18.86
C LEU A 239 3.68 -27.03 18.00
N ALA A 240 4.93 -27.33 18.42
CA ALA A 240 6.16 -26.90 17.77
C ALA A 240 6.10 -26.90 16.22
N ASP A 241 5.64 -28.01 15.59
CA ASP A 241 5.54 -28.15 14.12
C ASP A 241 4.55 -27.16 13.49
N ILE A 242 3.44 -26.87 14.18
CA ILE A 242 2.41 -25.95 13.69
C ILE A 242 2.91 -24.50 13.85
N ALA A 243 3.66 -24.21 14.93
CA ALA A 243 4.22 -22.89 15.22
C ALA A 243 5.06 -22.36 14.06
N LYS A 244 5.94 -23.23 13.50
CA LYS A 244 6.78 -22.97 12.33
C LYS A 244 5.90 -22.53 11.13
N ASP A 245 4.77 -23.23 10.88
CA ASP A 245 3.80 -22.95 9.81
C ASP A 245 3.08 -21.61 10.00
N MET A 246 2.83 -21.22 11.28
CA MET A 246 2.13 -19.98 11.66
C MET A 246 2.95 -18.74 11.33
N VAL A 247 4.29 -18.86 11.22
CA VAL A 247 5.19 -17.76 10.84
C VAL A 247 4.80 -17.25 9.43
N ASN A 248 4.38 -18.20 8.56
CA ASN A 248 3.96 -17.97 7.17
C ASN A 248 2.61 -17.27 7.03
N ASP A 249 1.75 -17.28 8.07
CA ASP A 249 0.42 -16.65 8.01
C ASP A 249 0.53 -15.16 7.59
N PRO A 250 0.08 -14.79 6.38
CA PRO A 250 0.22 -13.39 5.95
C PRO A 250 -0.93 -12.49 6.41
N ASN A 251 -1.86 -13.03 7.21
CA ASN A 251 -2.98 -12.26 7.79
C ASN A 251 -2.52 -11.51 9.05
N TYR A 252 -1.22 -11.62 9.40
CA TYR A 252 -0.59 -10.94 10.54
C TYR A 252 0.68 -10.23 10.10
N ASP A 253 0.93 -9.04 10.67
CA ASP A 253 2.11 -8.23 10.39
C ASP A 253 3.38 -8.94 10.82
N SER A 254 3.34 -9.61 11.98
CA SER A 254 4.44 -10.43 12.52
C SER A 254 3.91 -11.55 13.40
N VAL A 255 4.69 -12.63 13.49
CA VAL A 255 4.38 -13.81 14.32
C VAL A 255 5.66 -14.17 15.10
N LYS A 256 5.68 -13.92 16.42
CA LYS A 256 6.82 -14.22 17.28
C LYS A 256 6.61 -15.58 17.95
N VAL A 257 7.55 -16.51 17.73
CA VAL A 257 7.47 -17.88 18.28
C VAL A 257 8.58 -18.11 19.34
N GLU A 258 8.20 -18.58 20.56
CA GLU A 258 9.08 -18.87 21.70
C GLU A 258 10.28 -19.75 21.32
N GLU A 259 11.49 -19.34 21.75
CA GLU A 259 12.71 -20.10 21.52
C GLU A 259 12.98 -20.92 22.78
N THR A 260 13.39 -22.20 22.60
CA THR A 260 13.71 -23.07 23.72
C THR A 260 14.90 -24.00 23.39
N ASP A 261 15.77 -24.19 24.39
CA ASP A 261 16.93 -25.08 24.33
C ASP A 261 16.52 -26.49 24.81
N ASP A 262 15.26 -26.65 25.27
CA ASP A 262 14.70 -27.91 25.77
C ASP A 262 14.14 -28.78 24.61
N PRO A 263 14.71 -29.99 24.37
CA PRO A 263 14.21 -30.82 23.26
C PRO A 263 13.00 -31.69 23.61
N ASN A 264 12.57 -31.64 24.89
CA ASN A 264 11.39 -32.36 25.39
C ASN A 264 10.11 -31.55 25.18
N LYS A 265 10.26 -30.20 24.93
CA LYS A 265 9.14 -29.26 24.71
C LYS A 265 8.46 -29.57 23.38
N LYS A 266 7.19 -29.98 23.45
CA LYS A 266 6.38 -30.31 22.27
C LYS A 266 5.53 -29.09 21.84
N THR A 267 5.52 -28.03 22.68
CA THR A 267 4.73 -26.81 22.47
C THR A 267 5.55 -25.52 22.59
N ARG A 268 5.05 -24.44 21.97
CA ARG A 268 5.65 -23.10 21.99
C ARG A 268 4.55 -22.08 22.18
N THR A 269 4.88 -20.94 22.81
CA THR A 269 3.97 -19.81 22.96
C THR A 269 4.21 -18.95 21.74
N VAL A 270 3.12 -18.66 21.02
CA VAL A 270 3.15 -17.88 19.77
C VAL A 270 2.37 -16.57 19.95
N GLU A 271 2.99 -15.45 19.51
CA GLU A 271 2.39 -14.12 19.55
C GLU A 271 2.17 -13.62 18.11
N LYS A 272 0.89 -13.51 17.73
CA LYS A 272 0.46 -13.03 16.41
C LYS A 272 0.13 -11.54 16.54
N LYS A 273 0.84 -10.68 15.80
CA LYS A 273 0.64 -9.24 15.88
C LYS A 273 0.04 -8.67 14.61
N VAL A 274 -1.08 -7.94 14.73
CA VAL A 274 -1.75 -7.28 13.63
C VAL A 274 -2.31 -5.92 14.07
N LYS A 275 -2.12 -4.89 13.23
CA LYS A 275 -2.62 -3.55 13.50
C LYS A 275 -4.10 -3.49 13.09
N LYS A 276 -4.95 -2.95 13.96
CA LYS A 276 -6.39 -2.83 13.68
C LYS A 276 -6.91 -1.43 14.01
N TRP A 277 -8.03 -1.03 13.38
CA TRP A 277 -8.67 0.27 13.57
C TRP A 277 -9.57 0.27 14.79
N THR A 278 -9.45 1.30 15.65
CA THR A 278 -10.27 1.43 16.84
C THR A 278 -10.87 2.83 16.87
N LEU A 279 -12.20 2.93 17.09
CA LEU A 279 -12.91 4.21 17.18
C LEU A 279 -12.48 4.89 18.47
N MET A 280 -11.97 6.11 18.34
CA MET A 280 -11.42 6.87 19.44
C MET A 280 -12.42 7.82 20.11
N ASN A 281 -13.57 8.07 19.46
CA ASN A 281 -14.60 8.98 20.00
C ASN A 281 -16.04 8.41 19.78
N SER B 22 20.01 0.41 -17.96
CA SER B 22 18.65 0.77 -17.60
C SER B 22 17.65 0.66 -18.78
N MET B 23 18.17 0.46 -20.03
CA MET B 23 17.36 0.34 -21.25
C MET B 23 17.51 -1.01 -21.96
N GLU B 24 16.60 -1.30 -22.93
CA GLU B 24 16.58 -2.55 -23.72
C GLU B 24 17.69 -2.58 -24.81
N SER B 25 18.13 -3.80 -25.21
CA SER B 25 19.10 -4.02 -26.29
C SER B 25 18.32 -4.35 -27.57
N HIS B 26 18.97 -4.27 -28.75
CA HIS B 26 18.30 -4.60 -30.00
C HIS B 26 18.15 -6.12 -30.18
N GLN B 27 19.20 -6.88 -29.75
CA GLN B 27 19.25 -8.34 -29.80
C GLN B 27 18.12 -8.92 -28.94
N TYR B 28 17.92 -8.34 -27.73
CA TYR B 28 16.88 -8.71 -26.78
C TYR B 28 15.49 -8.42 -27.35
N GLN B 29 15.30 -7.22 -27.93
CA GLN B 29 14.04 -6.78 -28.50
C GLN B 29 13.59 -7.68 -29.66
N THR B 30 14.55 -8.24 -30.43
CA THR B 30 14.23 -9.13 -31.55
C THR B 30 13.87 -10.53 -31.03
N GLU B 31 14.70 -11.08 -30.11
CA GLU B 31 14.52 -12.40 -29.49
C GLU B 31 13.20 -12.50 -28.70
N VAL B 32 12.96 -11.55 -27.79
CA VAL B 32 11.77 -11.52 -26.95
C VAL B 32 10.50 -11.35 -27.80
N THR B 33 10.55 -10.52 -28.86
CA THR B 33 9.40 -10.35 -29.78
C THR B 33 9.03 -11.72 -30.37
N ARG B 34 10.05 -12.50 -30.76
CA ARG B 34 9.89 -13.83 -31.33
C ARG B 34 9.33 -14.78 -30.30
N LEU B 35 9.94 -14.81 -29.09
CA LEU B 35 9.50 -15.63 -27.95
C LEU B 35 8.02 -15.39 -27.68
N MET B 36 7.63 -14.11 -27.50
CA MET B 36 6.25 -13.68 -27.25
C MET B 36 5.34 -14.11 -28.42
N ASP B 37 5.75 -13.87 -29.67
CA ASP B 37 4.95 -14.21 -30.86
C ASP B 37 4.63 -15.69 -30.93
N ILE B 38 5.67 -16.56 -30.76
CA ILE B 38 5.54 -18.03 -30.81
C ILE B 38 4.70 -18.53 -29.63
N ILE B 39 5.02 -18.12 -28.39
CA ILE B 39 4.33 -18.51 -27.16
C ILE B 39 2.83 -18.14 -27.26
N VAL B 40 2.53 -16.91 -27.69
CA VAL B 40 1.14 -16.45 -27.85
C VAL B 40 0.42 -17.25 -28.97
N ASN B 41 1.07 -17.40 -30.14
CA ASN B 41 0.52 -18.12 -31.30
C ASN B 41 0.20 -19.57 -30.95
N SER B 42 1.05 -20.22 -30.14
CA SER B 42 0.90 -21.61 -29.74
C SER B 42 -0.05 -21.85 -28.57
N LEU B 43 -0.10 -20.94 -27.58
CA LEU B 43 -0.88 -21.17 -26.36
C LEU B 43 -2.10 -20.28 -26.16
N TYR B 44 -2.61 -19.62 -27.22
CA TYR B 44 -3.77 -18.72 -27.10
C TYR B 44 -5.08 -19.44 -26.66
N THR B 45 -5.11 -20.76 -26.81
CA THR B 45 -6.23 -21.64 -26.44
C THR B 45 -6.05 -22.17 -25.00
N GLN B 46 -4.85 -22.00 -24.43
CA GLN B 46 -4.47 -22.49 -23.09
C GLN B 46 -3.83 -21.33 -22.29
N LYS B 47 -4.20 -20.07 -22.61
CA LYS B 47 -3.69 -18.81 -22.05
C LYS B 47 -3.39 -18.84 -20.55
N GLU B 48 -4.21 -19.56 -19.79
CA GLU B 48 -4.11 -19.64 -18.34
C GLU B 48 -2.87 -20.41 -17.83
N VAL B 49 -2.03 -21.02 -18.71
CA VAL B 49 -0.83 -21.76 -18.28
C VAL B 49 0.31 -20.82 -17.78
N PHE B 50 0.16 -19.50 -17.98
CA PHE B 50 1.15 -18.51 -17.52
C PHE B 50 1.31 -18.62 -15.99
N LEU B 51 0.22 -19.01 -15.28
CA LEU B 51 0.22 -19.12 -13.83
C LEU B 51 1.07 -20.30 -13.37
N ARG B 52 1.05 -21.41 -14.14
CA ARG B 52 1.85 -22.60 -13.87
C ARG B 52 3.33 -22.25 -13.91
N GLU B 53 3.72 -21.36 -14.83
CA GLU B 53 5.09 -20.92 -15.02
C GLU B 53 5.55 -20.01 -13.90
N LEU B 54 4.73 -18.99 -13.56
CA LEU B 54 5.08 -18.03 -12.51
C LEU B 54 5.19 -18.68 -11.13
N ILE B 55 4.31 -19.65 -10.82
CA ILE B 55 4.35 -20.42 -9.56
C ILE B 55 5.65 -21.24 -9.53
N SER B 56 6.01 -21.84 -10.69
CA SER B 56 7.23 -22.64 -10.85
C SER B 56 8.50 -21.82 -10.59
N ASN B 57 8.59 -20.60 -11.19
CA ASN B 57 9.70 -19.66 -11.00
C ASN B 57 9.79 -19.21 -9.54
N ALA B 58 8.63 -18.95 -8.89
CA ALA B 58 8.53 -18.55 -7.49
C ALA B 58 9.06 -19.67 -6.58
N ALA B 59 8.69 -20.94 -6.89
CA ALA B 59 9.14 -22.13 -6.15
C ALA B 59 10.66 -22.32 -6.25
N ASP B 60 11.24 -22.01 -7.44
CA ASP B 60 12.68 -22.09 -7.69
C ASP B 60 13.45 -21.04 -6.88
N ALA B 61 12.93 -19.79 -6.84
CA ALA B 61 13.51 -18.66 -6.09
C ALA B 61 13.49 -18.97 -4.58
N LEU B 62 12.40 -19.63 -4.12
CA LEU B 62 12.23 -20.05 -2.74
C LEU B 62 13.20 -21.16 -2.36
N GLU B 63 13.40 -22.17 -3.23
CA GLU B 63 14.35 -23.26 -2.94
C GLU B 63 15.79 -22.74 -2.85
N LYS B 64 16.17 -21.74 -3.67
CA LYS B 64 17.51 -21.15 -3.65
C LYS B 64 17.85 -20.52 -2.30
N ILE B 65 16.92 -19.74 -1.71
CA ILE B 65 17.13 -19.12 -0.40
C ILE B 65 16.94 -20.14 0.74
N ARG B 66 16.05 -21.16 0.54
CA ARG B 66 15.80 -22.20 1.56
C ARG B 66 17.03 -23.09 1.70
N PHE B 67 17.70 -23.40 0.57
CA PHE B 67 18.89 -24.23 0.51
C PHE B 67 20.06 -23.57 1.25
N LEU B 68 20.22 -22.23 1.07
CA LEU B 68 21.27 -21.45 1.71
C LEU B 68 21.05 -21.34 3.22
N SER B 69 19.77 -21.22 3.66
CA SER B 69 19.38 -21.12 5.08
C SER B 69 19.77 -22.35 5.91
N LEU B 70 19.98 -23.50 5.25
CA LEU B 70 20.41 -24.75 5.91
C LEU B 70 21.88 -24.62 6.32
N SER B 71 22.67 -23.86 5.54
CA SER B 71 24.08 -23.58 5.82
C SER B 71 24.19 -22.48 6.90
N ASP B 72 23.48 -21.33 6.69
CA ASP B 72 23.42 -20.19 7.61
C ASP B 72 21.98 -19.62 7.61
N GLU B 73 21.24 -19.84 8.71
CA GLU B 73 19.84 -19.39 8.87
C GLU B 73 19.71 -17.86 9.00
N SER B 74 20.83 -17.12 8.91
CA SER B 74 20.88 -15.65 8.97
C SER B 74 20.53 -14.99 7.63
N VAL B 75 20.38 -15.79 6.54
CA VAL B 75 20.02 -15.29 5.21
C VAL B 75 18.56 -14.83 5.16
N LEU B 76 17.71 -15.45 6.01
CA LEU B 76 16.28 -15.14 6.17
C LEU B 76 16.09 -13.74 6.77
N GLY B 77 16.99 -13.37 7.68
CA GLY B 77 17.02 -12.08 8.36
C GLY B 77 15.71 -11.75 9.04
N GLU B 78 15.11 -10.62 8.64
CA GLU B 78 13.81 -10.18 9.17
C GLU B 78 12.64 -10.93 8.48
N GLU B 79 12.86 -11.44 7.23
CA GLU B 79 11.83 -12.16 6.46
C GLU B 79 11.94 -13.70 6.61
N LYS B 80 11.33 -14.23 7.68
CA LYS B 80 11.35 -15.66 8.02
C LYS B 80 10.31 -16.48 7.23
N LYS B 81 9.36 -15.81 6.54
CA LYS B 81 8.33 -16.46 5.71
C LYS B 81 8.98 -17.01 4.42
N LEU B 82 8.64 -18.25 4.03
CA LEU B 82 9.08 -18.90 2.79
C LEU B 82 7.80 -19.38 2.10
N GLU B 83 7.21 -18.50 1.24
CA GLU B 83 5.91 -18.78 0.61
C GLU B 83 5.65 -18.03 -0.69
N ILE B 84 4.53 -18.37 -1.37
CA ILE B 84 4.01 -17.72 -2.58
C ILE B 84 2.65 -17.06 -2.24
N ARG B 85 2.45 -15.80 -2.67
CA ARG B 85 1.24 -15.03 -2.41
C ARG B 85 0.60 -14.49 -3.69
N ILE B 86 -0.64 -14.90 -3.96
CA ILE B 86 -1.39 -14.49 -5.14
C ILE B 86 -2.55 -13.57 -4.71
N SER B 87 -2.58 -12.36 -5.29
CA SER B 87 -3.60 -11.35 -5.06
C SER B 87 -3.94 -10.63 -6.37
N ALA B 88 -5.18 -10.12 -6.46
CA ALA B 88 -5.74 -9.44 -7.63
C ALA B 88 -6.36 -8.10 -7.24
N ASN B 89 -6.16 -7.08 -8.09
CA ASN B 89 -6.74 -5.74 -7.94
C ASN B 89 -7.73 -5.57 -9.08
N LYS B 90 -9.01 -5.96 -8.86
CA LYS B 90 -10.08 -5.92 -9.88
C LYS B 90 -10.25 -4.54 -10.51
N GLU B 91 -10.07 -3.47 -9.70
CA GLU B 91 -10.20 -2.06 -10.09
C GLU B 91 -9.14 -1.66 -11.10
N LYS B 92 -7.86 -1.89 -10.77
CA LYS B 92 -6.70 -1.56 -11.60
C LYS B 92 -6.40 -2.63 -12.68
N ASN B 93 -7.12 -3.79 -12.64
CA ASN B 93 -6.97 -4.96 -13.53
C ASN B 93 -5.52 -5.55 -13.42
N ILE B 94 -4.97 -5.62 -12.19
CA ILE B 94 -3.63 -6.12 -11.93
C ILE B 94 -3.70 -7.42 -11.12
N LEU B 95 -2.89 -8.42 -11.52
CA LEU B 95 -2.77 -9.71 -10.85
C LEU B 95 -1.34 -9.79 -10.38
N SER B 96 -1.12 -9.99 -9.07
CA SER B 96 0.22 -10.04 -8.49
C SER B 96 0.59 -11.43 -7.97
N ILE B 97 1.86 -11.83 -8.23
CA ILE B 97 2.43 -13.11 -7.79
C ILE B 97 3.72 -12.75 -7.04
N THR B 98 3.64 -12.74 -5.71
CA THR B 98 4.75 -12.41 -4.83
C THR B 98 5.26 -13.68 -4.15
N ASP B 99 6.57 -13.72 -3.91
CA ASP B 99 7.26 -14.81 -3.20
C ASP B 99 8.29 -14.19 -2.26
N THR B 100 8.58 -14.88 -1.16
CA THR B 100 9.61 -14.45 -0.20
C THR B 100 10.86 -15.28 -0.51
N GLY B 101 11.24 -15.29 -1.79
CA GLY B 101 12.37 -16.06 -2.31
C GLY B 101 13.69 -15.33 -2.23
N ILE B 102 14.71 -15.83 -2.96
CA ILE B 102 16.07 -15.28 -2.98
C ILE B 102 16.11 -13.81 -3.47
N GLY B 103 15.26 -13.46 -4.43
CA GLY B 103 15.26 -12.13 -5.02
C GLY B 103 16.38 -11.99 -6.04
N MET B 104 16.46 -10.81 -6.70
CA MET B 104 17.47 -10.58 -7.73
C MET B 104 18.25 -9.30 -7.56
N THR B 105 19.56 -9.35 -7.89
CA THR B 105 20.46 -8.20 -7.88
C THR B 105 20.45 -7.60 -9.30
N LYS B 106 20.87 -6.33 -9.44
CA LYS B 106 20.94 -5.64 -10.74
C LYS B 106 21.82 -6.44 -11.69
N VAL B 107 22.91 -7.04 -11.17
CA VAL B 107 23.88 -7.84 -11.91
C VAL B 107 23.22 -9.13 -12.44
N ASP B 108 22.51 -9.86 -11.54
CA ASP B 108 21.79 -11.09 -11.87
C ASP B 108 20.75 -10.83 -12.93
N LEU B 109 20.03 -9.69 -12.81
CA LEU B 109 18.98 -9.30 -13.74
C LEU B 109 19.53 -8.93 -15.13
N ILE B 110 20.60 -8.10 -15.20
CA ILE B 110 21.23 -7.67 -16.45
C ILE B 110 21.91 -8.87 -17.14
N ASN B 111 22.70 -9.66 -16.38
CA ASN B 111 23.41 -10.83 -16.90
C ASN B 111 22.43 -11.89 -17.45
N ASN B 112 21.36 -12.21 -16.67
CA ASN B 112 20.33 -13.18 -17.07
C ASN B 112 19.55 -12.73 -18.32
N LEU B 113 19.18 -11.43 -18.41
CA LEU B 113 18.49 -10.88 -19.60
C LEU B 113 19.41 -10.89 -20.81
N GLY B 114 20.72 -10.85 -20.54
CA GLY B 114 21.78 -10.89 -21.53
C GLY B 114 21.95 -12.27 -22.13
N THR B 115 21.77 -13.33 -21.31
CA THR B 115 21.88 -14.73 -21.75
C THR B 115 20.67 -15.10 -22.64
N ILE B 116 19.46 -14.57 -22.34
CA ILE B 116 18.22 -14.75 -23.12
C ILE B 116 18.39 -14.17 -24.56
N ALA B 117 18.91 -12.93 -24.65
CA ALA B 117 19.14 -12.17 -25.88
C ALA B 117 20.07 -12.87 -26.88
N LYS B 118 21.15 -13.50 -26.39
CA LYS B 118 22.15 -14.16 -27.23
C LYS B 118 22.03 -15.72 -27.27
N SER B 119 20.93 -16.31 -26.75
CA SER B 119 20.73 -17.76 -26.73
C SER B 119 19.99 -18.35 -27.94
N GLY B 120 19.09 -17.56 -28.54
CA GLY B 120 18.29 -18.00 -29.69
C GLY B 120 17.30 -19.11 -29.38
N THR B 121 16.65 -19.05 -28.18
CA THR B 121 15.66 -20.03 -27.74
C THR B 121 14.44 -19.99 -28.66
N SER B 122 14.13 -18.79 -29.18
CA SER B 122 13.06 -18.55 -30.14
C SER B 122 13.21 -19.48 -31.35
N ASN B 123 14.46 -19.73 -31.77
CA ASN B 123 14.78 -20.62 -32.89
C ASN B 123 14.31 -22.05 -32.56
N PHE B 124 14.60 -22.55 -31.34
CA PHE B 124 14.15 -23.86 -30.86
C PHE B 124 12.61 -23.92 -30.88
N LEU B 125 11.95 -22.88 -30.32
CA LEU B 125 10.49 -22.76 -30.24
C LEU B 125 9.85 -22.69 -31.64
N GLU B 126 10.42 -21.87 -32.55
CA GLU B 126 9.95 -21.75 -33.94
C GLU B 126 9.94 -23.13 -34.59
N ALA B 127 11.07 -23.86 -34.48
CA ALA B 127 11.24 -25.21 -35.00
C ALA B 127 10.21 -26.16 -34.37
N ILE B 128 9.98 -26.04 -33.03
CA ILE B 128 9.01 -26.86 -32.30
C ILE B 128 7.59 -26.62 -32.86
N SER B 129 7.21 -25.35 -33.02
CA SER B 129 5.90 -24.91 -33.52
C SER B 129 5.64 -25.38 -34.96
N LYS B 130 6.64 -25.17 -35.84
CA LYS B 130 6.57 -25.58 -37.25
C LYS B 130 6.44 -27.10 -37.41
N SER B 131 6.90 -27.88 -36.39
CA SER B 131 6.85 -29.34 -36.39
C SER B 131 5.58 -29.91 -35.70
N GLY B 132 4.71 -29.03 -35.21
CA GLY B 132 3.49 -29.43 -34.52
C GLY B 132 3.68 -29.78 -33.05
N GLY B 133 4.83 -29.42 -32.49
CA GLY B 133 5.16 -29.66 -31.09
C GLY B 133 4.45 -28.69 -30.15
N ASP B 134 4.48 -28.98 -28.85
CA ASP B 134 3.84 -28.13 -27.84
C ASP B 134 4.87 -27.21 -27.15
N MET B 135 4.38 -26.22 -26.37
CA MET B 135 5.25 -25.29 -25.67
C MET B 135 5.60 -25.76 -24.27
N SER B 136 5.55 -27.09 -24.03
CA SER B 136 5.84 -27.72 -22.75
C SER B 136 7.30 -27.59 -22.28
N LEU B 137 8.22 -27.16 -23.15
CA LEU B 137 9.63 -27.01 -22.78
C LEU B 137 10.01 -25.58 -22.42
N ILE B 138 9.08 -24.59 -22.53
CA ILE B 138 9.35 -23.17 -22.23
C ILE B 138 9.93 -22.97 -20.81
N GLY B 139 9.45 -23.76 -19.85
CA GLY B 139 9.92 -23.74 -18.47
C GLY B 139 11.35 -24.22 -18.36
N GLN B 140 11.65 -25.44 -18.86
CA GLN B 140 12.99 -26.06 -18.88
C GLN B 140 14.03 -25.16 -19.56
N PHE B 141 13.61 -24.44 -20.64
CA PHE B 141 14.44 -23.54 -21.44
C PHE B 141 14.75 -22.19 -20.75
N GLY B 142 13.97 -21.85 -19.74
CA GLY B 142 14.13 -20.59 -19.01
C GLY B 142 13.49 -19.39 -19.68
N VAL B 143 12.38 -19.60 -20.43
CA VAL B 143 11.68 -18.50 -21.10
C VAL B 143 10.20 -18.46 -20.70
N GLY B 144 9.84 -19.30 -19.73
CA GLY B 144 8.49 -19.46 -19.20
C GLY B 144 7.85 -18.18 -18.74
N PHE B 145 8.67 -17.21 -18.24
CA PHE B 145 8.22 -15.90 -17.77
C PHE B 145 7.42 -15.13 -18.84
N TYR B 146 7.88 -15.17 -20.11
CA TYR B 146 7.29 -14.44 -21.24
C TYR B 146 5.87 -14.89 -21.58
N SER B 147 5.40 -16.03 -20.99
CA SER B 147 4.04 -16.55 -21.14
C SER B 147 3.02 -15.58 -20.48
N ALA B 148 3.51 -14.66 -19.61
CA ALA B 148 2.68 -13.64 -18.96
C ALA B 148 2.04 -12.71 -20.00
N PHE B 149 2.65 -12.61 -21.19
CA PHE B 149 2.18 -11.77 -22.29
C PHE B 149 1.05 -12.40 -23.12
N LEU B 150 0.51 -13.55 -22.65
CA LEU B 150 -0.67 -14.21 -23.20
C LEU B 150 -1.90 -13.50 -22.62
N VAL B 151 -1.79 -12.98 -21.37
CA VAL B 151 -2.87 -12.33 -20.61
C VAL B 151 -2.58 -10.85 -20.22
N ALA B 152 -1.29 -10.44 -20.22
CA ALA B 152 -0.92 -9.07 -19.83
C ALA B 152 -0.28 -8.28 -20.96
N ASP B 153 -0.44 -6.94 -20.93
CA ASP B 153 0.16 -6.02 -21.90
C ASP B 153 1.46 -5.42 -21.34
N LYS B 154 1.52 -5.27 -20.00
CA LYS B 154 2.67 -4.78 -19.24
C LYS B 154 2.92 -5.70 -18.03
N VAL B 155 4.21 -5.98 -17.72
CA VAL B 155 4.59 -6.80 -16.56
C VAL B 155 5.61 -6.01 -15.75
N ILE B 156 5.25 -5.64 -14.50
CA ILE B 156 6.15 -4.92 -13.62
C ILE B 156 6.64 -5.84 -12.50
N VAL B 157 7.95 -6.14 -12.53
CA VAL B 157 8.63 -7.00 -11.57
C VAL B 157 9.34 -6.12 -10.53
N TYR B 158 9.03 -6.33 -9.25
CA TYR B 158 9.67 -5.66 -8.12
C TYR B 158 10.52 -6.77 -7.48
N THR B 159 11.84 -6.52 -7.26
CA THR B 159 12.71 -7.56 -6.70
C THR B 159 13.74 -6.98 -5.69
N LYS B 160 14.06 -7.78 -4.65
CA LYS B 160 14.99 -7.41 -3.57
C LYS B 160 15.79 -8.62 -3.07
N ASN B 161 17.11 -8.61 -3.32
CA ASN B 161 18.05 -9.65 -2.88
C ASN B 161 18.95 -9.02 -1.79
N ASN B 162 19.30 -9.81 -0.74
CA ASN B 162 20.12 -9.36 0.40
C ASN B 162 21.37 -8.55 0.00
N ASP B 163 22.07 -9.00 -1.07
CA ASP B 163 23.32 -8.42 -1.62
C ASP B 163 23.14 -7.15 -2.48
N ASP B 164 21.92 -6.54 -2.52
CA ASP B 164 21.65 -5.33 -3.33
C ASP B 164 20.40 -4.57 -2.84
N GLU B 165 20.07 -3.46 -3.51
CA GLU B 165 18.89 -2.63 -3.24
C GLU B 165 17.68 -3.23 -3.95
N GLN B 166 16.48 -2.63 -3.74
CA GLN B 166 15.27 -3.09 -4.40
C GLN B 166 15.17 -2.44 -5.77
N TYR B 167 14.97 -3.27 -6.80
CA TYR B 167 14.87 -2.82 -8.17
C TYR B 167 13.52 -3.13 -8.82
N ILE B 168 13.19 -2.39 -9.88
CA ILE B 168 11.97 -2.54 -10.67
C ILE B 168 12.37 -2.92 -12.10
N TRP B 169 11.71 -3.95 -12.65
CA TRP B 169 11.93 -4.40 -14.02
C TRP B 169 10.59 -4.50 -14.77
N GLU B 170 10.29 -3.43 -15.51
CA GLU B 170 9.10 -3.25 -16.35
C GLU B 170 9.35 -3.97 -17.68
N SER B 171 8.28 -4.46 -18.31
CA SER B 171 8.33 -5.22 -19.57
C SER B 171 7.04 -5.00 -20.35
N THR B 172 7.16 -4.52 -21.59
CA THR B 172 6.01 -4.22 -22.45
C THR B 172 5.86 -5.34 -23.49
N ALA B 173 4.64 -5.47 -24.09
CA ALA B 173 4.30 -6.45 -25.12
C ALA B 173 5.09 -6.25 -26.43
N ASP B 174 5.72 -5.06 -26.60
CA ASP B 174 6.54 -4.69 -27.76
C ASP B 174 8.03 -4.93 -27.48
N ALA B 175 8.34 -5.89 -26.59
CA ALA B 175 9.68 -6.30 -26.14
C ALA B 175 10.53 -5.17 -25.52
N LYS B 176 9.88 -4.03 -25.17
CA LYS B 176 10.56 -2.90 -24.55
C LYS B 176 10.55 -3.06 -23.04
N PHE B 177 11.73 -2.89 -22.42
CA PHE B 177 11.90 -3.00 -20.98
C PHE B 177 12.68 -1.84 -20.36
N THR B 178 12.67 -1.77 -19.01
CA THR B 178 13.37 -0.79 -18.18
C THR B 178 13.82 -1.51 -16.91
N ILE B 179 14.99 -1.13 -16.39
CA ILE B 179 15.52 -1.65 -15.13
C ILE B 179 15.92 -0.41 -14.33
N TYR B 180 15.39 -0.26 -13.09
CA TYR B 180 15.72 0.88 -12.22
C TYR B 180 15.49 0.58 -10.73
N LYS B 181 16.16 1.35 -9.84
CA LYS B 181 16.02 1.24 -8.40
C LYS B 181 14.62 1.67 -7.99
N ASP B 182 14.04 1.00 -6.99
CA ASP B 182 12.71 1.33 -6.48
C ASP B 182 12.82 2.63 -5.66
N PRO B 183 12.09 3.72 -6.04
CA PRO B 183 12.17 4.97 -5.25
C PRO B 183 11.72 4.74 -3.81
N ARG B 184 10.63 3.95 -3.63
CA ARG B 184 10.04 3.58 -2.34
C ARG B 184 10.99 2.79 -1.41
N GLY B 185 12.07 2.24 -1.97
CA GLY B 185 13.08 1.48 -1.23
C GLY B 185 12.80 -0.01 -1.16
N ALA B 186 13.40 -0.69 -0.15
CA ALA B 186 13.25 -2.14 0.06
C ALA B 186 11.90 -2.51 0.71
N THR B 187 10.78 -2.24 -0.02
CA THR B 187 9.42 -2.53 0.43
C THR B 187 9.12 -4.04 0.48
N LEU B 188 9.98 -4.89 -0.14
CA LEU B 188 9.79 -6.34 -0.16
C LEU B 188 10.54 -7.09 0.92
N LYS B 189 11.59 -6.48 1.50
CA LYS B 189 12.49 -7.11 2.50
C LYS B 189 13.40 -8.12 1.80
N ARG B 190 12.79 -9.18 1.20
CA ARG B 190 13.45 -10.23 0.41
C ARG B 190 12.40 -10.91 -0.47
N GLY B 191 12.77 -11.16 -1.72
CA GLY B 191 11.88 -11.83 -2.68
C GLY B 191 11.57 -11.02 -3.92
N THR B 192 10.55 -11.49 -4.66
CA THR B 192 10.12 -10.90 -5.91
C THR B 192 8.59 -10.76 -5.99
N ARG B 193 8.11 -9.63 -6.50
CA ARG B 193 6.69 -9.36 -6.74
C ARG B 193 6.53 -9.23 -8.26
N ILE B 194 5.55 -9.94 -8.84
CA ILE B 194 5.33 -9.88 -10.28
C ILE B 194 3.89 -9.41 -10.51
N SER B 195 3.74 -8.17 -11.03
CA SER B 195 2.46 -7.51 -11.27
C SER B 195 2.13 -7.46 -12.75
N LEU B 196 1.05 -8.14 -13.13
CA LEU B 196 0.63 -8.18 -14.53
C LEU B 196 -0.49 -7.20 -14.77
N HIS B 197 -0.23 -6.20 -15.62
CA HIS B 197 -1.23 -5.22 -16.05
C HIS B 197 -1.95 -5.93 -17.20
N LEU B 198 -3.02 -6.66 -16.81
CA LEU B 198 -3.82 -7.53 -17.67
C LEU B 198 -4.41 -6.81 -18.86
N LYS B 199 -4.75 -7.59 -19.91
CA LYS B 199 -5.39 -7.11 -21.13
C LYS B 199 -6.86 -6.81 -20.80
N GLU B 200 -7.46 -5.82 -21.50
CA GLU B 200 -8.84 -5.37 -21.31
C GLU B 200 -9.85 -6.52 -21.20
N ASP B 201 -9.64 -7.61 -22.00
CA ASP B 201 -10.50 -8.79 -22.03
C ASP B 201 -10.31 -9.73 -20.86
N ALA B 202 -9.06 -9.81 -20.35
CA ALA B 202 -8.64 -10.74 -19.28
C ALA B 202 -9.19 -10.46 -17.85
N THR B 203 -10.32 -9.74 -17.70
CA THR B 203 -10.90 -9.40 -16.39
C THR B 203 -11.34 -10.63 -15.55
N ASN B 204 -11.81 -11.70 -16.22
CA ASN B 204 -12.29 -12.96 -15.65
C ASN B 204 -11.21 -13.72 -14.87
N LEU B 205 -9.94 -13.40 -15.15
CA LEU B 205 -8.79 -14.01 -14.49
C LEU B 205 -8.68 -13.55 -13.04
N LEU B 206 -9.28 -12.38 -12.72
CA LEU B 206 -9.29 -11.78 -11.39
C LEU B 206 -10.43 -12.36 -10.53
N ASN B 207 -11.20 -13.32 -11.09
CA ASN B 207 -12.31 -13.92 -10.34
C ASN B 207 -11.84 -15.00 -9.36
N ASP B 208 -12.45 -14.97 -8.19
CA ASP B 208 -12.26 -15.83 -7.02
C ASP B 208 -12.28 -17.31 -7.38
N LYS B 209 -13.37 -17.78 -8.00
CA LYS B 209 -13.53 -19.18 -8.37
C LYS B 209 -12.48 -19.62 -9.42
N LYS B 210 -12.14 -18.75 -10.41
CA LYS B 210 -11.15 -19.06 -11.45
C LYS B 210 -9.75 -19.21 -10.85
N LEU B 211 -9.25 -18.18 -10.11
CA LEU B 211 -7.93 -18.23 -9.49
C LEU B 211 -7.76 -19.45 -8.61
N MET B 212 -8.78 -19.79 -7.79
CA MET B 212 -8.75 -20.97 -6.91
C MET B 212 -8.58 -22.27 -7.69
N ASP B 213 -9.39 -22.44 -8.76
CA ASP B 213 -9.36 -23.53 -9.71
C ASP B 213 -7.94 -23.65 -10.32
N LEU B 214 -7.41 -22.54 -10.90
CA LEU B 214 -6.08 -22.49 -11.52
C LEU B 214 -4.93 -22.78 -10.54
N ILE B 215 -4.98 -22.20 -9.32
CA ILE B 215 -3.94 -22.41 -8.31
C ILE B 215 -3.92 -23.90 -7.88
N SER B 216 -5.10 -24.48 -7.59
CA SER B 216 -5.23 -25.90 -7.20
C SER B 216 -4.60 -26.85 -8.26
N LYS B 217 -4.87 -26.56 -9.53
CA LYS B 217 -4.42 -27.28 -10.71
C LYS B 217 -2.89 -27.22 -10.87
N TYR B 218 -2.30 -26.01 -10.76
CA TYR B 218 -0.87 -25.73 -11.01
C TYR B 218 0.07 -25.79 -9.79
N SER B 219 -0.44 -26.22 -8.62
CA SER B 219 0.38 -26.30 -7.42
C SER B 219 0.60 -27.77 -7.00
N GLN B 220 0.59 -28.67 -7.99
CA GLN B 220 0.72 -30.11 -7.80
C GLN B 220 2.06 -30.51 -7.13
N PHE B 221 3.20 -30.23 -7.79
CA PHE B 221 4.52 -30.60 -7.26
C PHE B 221 5.21 -29.44 -6.48
N ILE B 222 4.40 -28.49 -5.94
CA ILE B 222 4.94 -27.35 -5.19
C ILE B 222 5.09 -27.71 -3.71
N GLN B 223 6.33 -27.59 -3.19
CA GLN B 223 6.71 -27.94 -1.81
C GLN B 223 6.59 -26.77 -0.82
N PHE B 224 6.33 -25.55 -1.31
CA PHE B 224 6.15 -24.35 -0.48
C PHE B 224 4.68 -23.93 -0.37
N PRO B 225 4.25 -23.19 0.69
CA PRO B 225 2.84 -22.80 0.79
C PRO B 225 2.45 -21.70 -0.19
N ILE B 226 1.20 -21.76 -0.66
CA ILE B 226 0.65 -20.80 -1.59
C ILE B 226 -0.59 -20.20 -0.95
N TYR B 227 -0.60 -18.87 -0.81
CA TYR B 227 -1.72 -18.15 -0.20
C TYR B 227 -2.44 -17.28 -1.22
N LEU B 228 -3.78 -17.23 -1.14
CA LEU B 228 -4.59 -16.40 -2.01
C LEU B 228 -5.37 -15.36 -1.19
N LEU B 229 -5.29 -14.08 -1.60
CA LEU B 229 -6.02 -12.99 -0.98
C LEU B 229 -7.36 -12.91 -1.68
N HIS B 230 -8.42 -13.44 -1.04
CA HIS B 230 -9.75 -13.44 -1.63
C HIS B 230 -10.82 -12.90 -0.64
N GLU B 231 -11.96 -12.44 -1.19
CA GLU B 231 -13.08 -11.86 -0.45
C GLU B 231 -13.72 -12.82 0.56
N ASN B 232 -14.12 -12.25 1.70
CA ASN B 232 -14.82 -12.84 2.85
C ASN B 232 -16.00 -11.91 3.13
N VAL B 233 -17.18 -12.47 3.36
CA VAL B 233 -18.38 -11.67 3.65
C VAL B 233 -18.93 -12.04 5.04
N TYR B 234 -19.08 -11.04 5.91
CA TYR B 234 -19.64 -11.17 7.25
C TYR B 234 -21.00 -10.48 7.24
N THR B 235 -22.09 -11.26 7.39
CA THR B 235 -23.47 -10.76 7.38
C THR B 235 -24.10 -10.83 8.78
N GLU B 236 -24.82 -9.74 9.20
CA GLU B 236 -25.54 -9.68 10.47
C GLU B 236 -26.67 -8.64 10.46
N GLU B 237 -27.66 -8.80 11.36
CA GLU B 237 -28.73 -7.82 11.53
C GLU B 237 -28.19 -6.74 12.44
N VAL B 238 -28.46 -5.49 12.10
CA VAL B 238 -27.98 -4.31 12.84
C VAL B 238 -29.13 -3.32 12.96
N LEU B 239 -29.20 -2.59 14.09
CA LEU B 239 -30.20 -1.55 14.29
C LEU B 239 -29.87 -0.42 13.33
N ALA B 240 -30.87 0.12 12.63
CA ALA B 240 -30.73 1.16 11.60
C ALA B 240 -29.67 2.23 11.91
N ASP B 241 -29.70 2.84 13.12
CA ASP B 241 -28.75 3.88 13.54
C ASP B 241 -27.30 3.37 13.61
N ILE B 242 -27.10 2.12 14.04
CA ILE B 242 -25.77 1.52 14.14
C ILE B 242 -25.24 1.15 12.76
N ALA B 243 -26.13 0.71 11.83
CA ALA B 243 -25.80 0.33 10.46
C ALA B 243 -25.09 1.45 9.71
N LYS B 244 -25.62 2.69 9.85
CA LYS B 244 -25.04 3.92 9.30
C LYS B 244 -23.58 4.10 9.78
N ASP B 245 -23.33 3.88 11.10
CA ASP B 245 -22.00 3.98 11.74
C ASP B 245 -21.04 2.91 11.23
N MET B 246 -21.56 1.70 10.91
CA MET B 246 -20.78 0.56 10.42
C MET B 246 -20.17 0.79 9.04
N VAL B 247 -20.76 1.71 8.23
CA VAL B 247 -20.24 2.09 6.91
C VAL B 247 -18.82 2.68 7.08
N ASN B 248 -18.60 3.40 8.19
CA ASN B 248 -17.34 4.07 8.57
C ASN B 248 -16.24 3.10 9.04
N ASP B 249 -16.58 1.85 9.44
CA ASP B 249 -15.58 0.88 9.92
C ASP B 249 -14.46 0.69 8.88
N PRO B 250 -13.22 1.13 9.18
CA PRO B 250 -12.14 1.02 8.18
C PRO B 250 -11.44 -0.33 8.20
N ASN B 251 -11.91 -1.28 9.05
CA ASN B 251 -11.37 -2.63 9.14
C ASN B 251 -11.95 -3.53 8.03
N TYR B 252 -12.83 -2.95 7.15
CA TYR B 252 -13.47 -3.61 6.02
C TYR B 252 -13.32 -2.81 4.76
N ASP B 253 -13.11 -3.51 3.63
CA ASP B 253 -12.94 -2.92 2.31
C ASP B 253 -14.22 -2.20 1.89
N SER B 254 -15.39 -2.81 2.17
CA SER B 254 -16.71 -2.24 1.89
C SER B 254 -17.73 -2.78 2.88
N VAL B 255 -18.80 -2.00 3.10
CA VAL B 255 -19.91 -2.34 3.99
C VAL B 255 -21.21 -2.01 3.24
N LYS B 256 -21.97 -3.04 2.81
CA LYS B 256 -23.25 -2.86 2.11
C LYS B 256 -24.40 -2.95 3.11
N VAL B 257 -25.22 -1.89 3.19
CA VAL B 257 -26.37 -1.81 4.12
C VAL B 257 -27.70 -1.83 3.34
N GLU B 258 -28.59 -2.81 3.64
CA GLU B 258 -29.89 -2.97 2.97
C GLU B 258 -30.73 -1.68 3.03
N GLU B 259 -31.38 -1.36 1.90
CA GLU B 259 -32.28 -0.21 1.76
C GLU B 259 -33.73 -0.67 1.92
N THR B 260 -34.58 0.17 2.54
CA THR B 260 -35.99 -0.14 2.75
C THR B 260 -36.84 1.13 2.63
N ASP B 261 -38.07 0.97 2.11
CA ASP B 261 -39.04 2.07 2.01
C ASP B 261 -39.73 2.19 3.37
N ASP B 262 -40.03 1.02 4.00
CA ASP B 262 -40.67 0.83 5.30
C ASP B 262 -40.02 1.70 6.41
N PRO B 263 -40.71 2.78 6.85
CA PRO B 263 -40.14 3.61 7.94
C PRO B 263 -40.36 3.01 9.33
N ASN B 264 -41.07 1.86 9.41
CA ASN B 264 -41.33 1.14 10.65
C ASN B 264 -40.19 0.15 10.97
N LYS B 265 -39.32 -0.16 9.95
CA LYS B 265 -38.16 -1.06 10.07
C LYS B 265 -37.10 -0.44 10.99
N LYS B 266 -36.84 -1.09 12.12
CA LYS B 266 -35.86 -0.62 13.10
C LYS B 266 -34.49 -1.29 12.87
N THR B 267 -34.43 -2.29 11.97
CA THR B 267 -33.22 -3.07 11.66
C THR B 267 -32.92 -3.15 10.16
N ARG B 268 -31.65 -3.41 9.82
CA ARG B 268 -31.15 -3.57 8.46
C ARG B 268 -30.17 -4.74 8.43
N THR B 269 -30.09 -5.43 7.27
CA THR B 269 -29.12 -6.50 7.04
C THR B 269 -27.89 -5.81 6.48
N VAL B 270 -26.74 -6.05 7.13
CA VAL B 270 -25.46 -5.43 6.77
C VAL B 270 -24.45 -6.51 6.31
N GLU B 271 -23.78 -6.26 5.17
CA GLU B 271 -22.76 -7.13 4.61
C GLU B 271 -21.39 -6.43 4.66
N LYS B 272 -20.49 -6.94 5.50
CA LYS B 272 -19.13 -6.42 5.69
C LYS B 272 -18.19 -7.27 4.82
N LYS B 273 -17.49 -6.63 3.88
CA LYS B 273 -16.61 -7.35 2.96
C LYS B 273 -15.14 -7.00 3.20
N VAL B 274 -14.30 -8.03 3.40
CA VAL B 274 -12.86 -7.86 3.61
C VAL B 274 -12.09 -9.03 2.95
N LYS B 275 -11.00 -8.72 2.26
CA LYS B 275 -10.15 -9.70 1.59
C LYS B 275 -9.21 -10.32 2.62
N LYS B 276 -9.11 -11.65 2.64
CA LYS B 276 -8.25 -12.37 3.58
C LYS B 276 -7.41 -13.43 2.87
N TRP B 277 -6.27 -13.82 3.48
CA TRP B 277 -5.36 -14.83 2.95
C TRP B 277 -5.81 -16.24 3.28
N THR B 278 -5.85 -17.13 2.28
CA THR B 278 -6.24 -18.54 2.50
C THR B 278 -5.18 -19.44 1.90
N LEU B 279 -4.70 -20.44 2.68
CA LEU B 279 -3.71 -21.40 2.23
C LEU B 279 -4.35 -22.30 1.18
N MET B 280 -3.75 -22.34 0.00
CA MET B 280 -4.29 -23.06 -1.15
C MET B 280 -3.76 -24.49 -1.30
N ASN B 281 -2.68 -24.84 -0.56
CA ASN B 281 -2.08 -26.18 -0.63
C ASN B 281 -1.68 -26.69 0.78
O23 BC2 C . -6.00 27.94 5.69
C2 BC2 C . -6.92 27.19 6.08
C3 BC2 C . -6.72 26.30 7.25
C4 BC2 C . -7.77 25.49 7.65
C5 BC2 C . -9.00 25.48 6.98
O24 BC2 C . -9.91 24.72 7.38
C6 BC2 C . -9.22 26.29 5.86
N22 BC2 C . -5.57 26.29 7.96
C21 BC2 C . -4.36 25.92 7.51
O37 BC2 C . -3.41 25.98 8.28
C20 BC2 C . -4.12 25.48 6.13
C36 BC2 C . -2.94 26.06 5.39
C19 BC2 C . -4.92 24.57 5.52
C18 BC2 C . -4.73 24.14 4.13
C17 BC2 C . -4.96 22.90 3.70
C16 BC2 C . -5.38 21.79 4.63
C35 BC2 C . -4.23 20.81 4.74
C1 BC2 C . -8.22 27.14 5.37
C7 BC2 C . -8.45 28.00 4.17
O38 BC2 C . -9.76 28.58 4.21
C39 BC2 C . -9.82 29.76 3.41
C8 BC2 C . -8.25 27.21 2.87
C25 BC2 C . -6.80 26.73 2.74
C9 BC2 C . -9.27 26.08 2.73
C10 BC2 C . -8.90 24.99 1.71
O26 BC2 C . -8.84 25.56 0.41
C27 BC2 C . -7.81 24.95 -0.36
C11 BC2 C . -9.92 23.85 1.68
O28 BC2 C . -11.23 24.38 1.58
C40 BC2 C . -11.72 24.38 0.24
C12 BC2 C . -9.82 22.97 2.93
C29 BC2 C . -11.01 22.03 3.02
C13 BC2 C . -8.57 22.11 2.98
C14 BC2 C . -7.84 21.99 4.12
C30 BC2 C . -8.25 22.75 5.34
C15 BC2 C . -6.66 21.08 4.19
O31 BC2 C . -6.94 20.13 5.23
C32 BC2 C . -7.63 18.91 4.84
O33 BC2 C . -8.24 18.84 3.77
N34 BC2 C . -7.59 17.89 5.69
S SO4 D . -5.03 5.75 5.51
O1 SO4 D . -4.05 6.73 5.07
O2 SO4 D . -5.76 6.24 6.66
O3 SO4 D . -5.95 5.50 4.41
O4 SO4 D . -4.32 4.51 5.91
O23 BC2 E . 15.38 -18.02 -16.93
C2 BC2 E . 15.05 -18.57 -15.86
C3 BC2 E . 13.62 -18.93 -15.61
C4 BC2 E . 13.30 -19.55 -14.41
C5 BC2 E . 14.26 -19.83 -13.43
O24 BC2 E . 13.93 -20.38 -12.36
C6 BC2 E . 15.61 -19.48 -13.63
N22 BC2 E . 12.66 -18.70 -16.53
C21 BC2 E . 12.25 -17.52 -16.98
O37 BC2 E . 11.37 -17.48 -17.83
C20 BC2 E . 12.83 -16.24 -16.53
C36 BC2 E . 13.21 -15.22 -17.57
C19 BC2 E . 13.04 -15.97 -15.22
C18 BC2 E . 13.66 -14.73 -14.74
C17 BC2 E . 13.32 -14.11 -13.62
C16 BC2 E . 12.19 -14.60 -12.74
C35 BC2 E . 11.04 -13.59 -12.83
C1 BC2 E . 16.04 -18.86 -14.81
C7 BC2 E . 17.48 -18.48 -15.00
O38 BC2 E . 18.34 -19.53 -14.55
C39 BC2 E . 19.62 -19.45 -15.17
C8 BC2 E . 17.82 -17.16 -14.30
C25 BC2 E . 17.02 -16.01 -14.91
C9 BC2 E . 17.67 -17.26 -12.77
C10 BC2 E . 17.55 -15.92 -12.05
O26 BC2 E . 18.76 -15.18 -12.21
C27 BC2 E . 18.51 -13.77 -12.29
C11 BC2 E . 17.32 -16.10 -10.55
O28 BC2 E . 18.27 -17.03 -10.02
C40 BC2 E . 19.39 -16.40 -9.40
C12 BC2 E . 15.90 -16.59 -10.25
C29 BC2 E . 15.78 -17.02 -8.80
C13 BC2 E . 14.83 -15.53 -10.48
C14 BC2 E . 13.69 -15.83 -11.13
C30 BC2 E . 13.45 -17.21 -11.64
C15 BC2 E . 12.60 -14.80 -11.29
O31 BC2 E . 11.44 -15.33 -10.63
C32 BC2 E . 11.27 -15.03 -9.21
O33 BC2 E . 12.22 -14.64 -8.53
N34 BC2 E . 10.06 -15.20 -8.69
S SO4 F . 1.99 -8.86 -1.76
O1 SO4 F . 3.32 -8.73 -1.22
O2 SO4 F . 1.04 -8.24 -0.85
O3 SO4 F . 1.95 -8.18 -3.03
O4 SO4 F . 1.60 -10.26 -1.95
S SO4 G . -11.03 -5.14 -5.55
O1 SO4 G . -10.97 -4.82 -4.12
O2 SO4 G . -12.42 -5.48 -5.91
O3 SO4 G . -10.58 -3.95 -6.31
O4 SO4 G . -10.14 -6.29 -5.84
#